data_5EU0
#
_entry.id   5EU0
#
_cell.length_a   73.130
_cell.length_b   73.130
_cell.length_c   130.150
_cell.angle_alpha   90.000
_cell.angle_beta   90.000
_cell.angle_gamma   90.000
#
_symmetry.space_group_name_H-M   'P 43 21 2'
#
loop_
_entity.id
_entity.type
_entity.pdbx_description
1 polymer 'Bartonella effector protein (Bep) substrate of VirB T4SS'
2 polymer 'antitoxin 1'
3 non-polymer 'SULFATE ION'
4 water water
#
loop_
_entity_poly.entity_id
_entity_poly.type
_entity_poly.pdbx_seq_one_letter_code
_entity_poly.pdbx_strand_id
1 'polypeptide(L)'
;METELSPNLPLPIYYTYPNSLTLKNKYGIIDHKEFTDKCAHDSAKATINLHQEALPKEFNSSYLKYLHKCLFENTFEWAG
CTRDIPFPFKDGTVAVMPEMMRSNWKTDQPIIFAIGNKVQDGLKNIDRILVEKNNLQNLPRQEFIHHLAEIFASLNYTHP
FREGNGRTQRIFCEKLAQAANYNLDFSIVTKERMSEVSIAAAQDGNLEPMKKLFDDISHHHHHH
;
A
2 'polypeptide(L)' VKKTTDHSTSLTSEELQKRREAVDAAISTHAIEGITLHSKTLEILEGYAKGEYSLEEFNTLMDNATL B
#
# COMPACT_ATOMS: atom_id res chain seq x y z
N ASN A 8 -24.99 -0.15 -20.75
CA ASN A 8 -23.90 0.68 -20.27
C ASN A 8 -22.70 -0.20 -19.87
N LEU A 9 -21.90 -0.60 -20.89
CA LEU A 9 -20.75 -1.49 -20.74
C LEU A 9 -19.66 -0.92 -19.81
N PRO A 10 -19.19 -1.69 -18.80
CA PRO A 10 -18.10 -1.19 -17.95
C PRO A 10 -16.81 -1.15 -18.73
N LEU A 11 -15.98 -0.12 -18.50
CA LEU A 11 -14.75 0.06 -19.25
C LEU A 11 -13.65 0.67 -18.39
N PRO A 12 -12.39 0.44 -18.77
CA PRO A 12 -11.26 1.05 -18.02
C PRO A 12 -11.27 2.59 -18.05
N ILE A 13 -11.73 3.17 -19.16
CA ILE A 13 -11.72 4.63 -19.32
C ILE A 13 -12.50 5.37 -18.21
N TYR A 14 -13.53 4.73 -17.62
CA TYR A 14 -14.36 5.40 -16.61
C TYR A 14 -13.66 5.59 -15.26
N TYR A 15 -12.43 5.07 -15.10
CA TYR A 15 -11.68 5.32 -13.88
C TYR A 15 -11.05 6.74 -13.87
N THR A 16 -10.89 7.35 -15.06
CA THR A 16 -10.19 8.63 -15.21
C THR A 16 -11.14 9.74 -15.65
N TYR A 17 -10.81 11.02 -15.31
CA TYR A 17 -11.67 12.11 -15.76
C TYR A 17 -11.66 12.19 -17.29
N PRO A 18 -12.80 12.54 -17.94
CA PRO A 18 -12.77 12.71 -19.42
C PRO A 18 -11.65 13.66 -19.85
N ASN A 19 -10.90 13.28 -20.91
CA ASN A 19 -9.82 14.07 -21.52
C ASN A 19 -8.65 14.33 -20.58
N SER A 20 -8.46 13.42 -19.61
CA SER A 20 -7.40 13.59 -18.61
C SER A 20 -6.75 12.26 -18.32
N LEU A 21 -5.55 12.31 -17.74
CA LEU A 21 -4.82 11.12 -17.31
C LEU A 21 -4.99 10.92 -15.79
N THR A 22 -5.70 11.85 -15.12
CA THR A 22 -5.94 11.80 -13.68
C THR A 22 -7.12 10.92 -13.32
N LEU A 23 -6.93 10.09 -12.30
CA LEU A 23 -7.96 9.21 -11.76
C LEU A 23 -9.06 10.06 -11.09
N LYS A 24 -10.33 9.67 -11.31
CA LYS A 24 -11.48 10.32 -10.66
C LYS A 24 -11.30 10.19 -9.12
N ASN A 25 -11.46 11.32 -8.42
CA ASN A 25 -11.21 11.32 -6.98
C ASN A 25 -12.18 12.25 -6.28
N LYS A 26 -12.32 12.02 -4.95
CA LYS A 26 -13.24 12.74 -4.08
C LYS A 26 -12.86 14.21 -3.89
N TYR A 27 -11.61 14.56 -4.24
CA TYR A 27 -11.14 15.95 -4.12
C TYR A 27 -11.51 16.81 -5.35
N GLY A 28 -11.90 16.17 -6.45
CA GLY A 28 -12.21 16.88 -7.70
C GLY A 28 -10.97 17.51 -8.32
N ILE A 29 -9.77 16.98 -7.96
CA ILE A 29 -8.51 17.53 -8.45
C ILE A 29 -8.08 16.85 -9.72
N ILE A 30 -7.86 17.65 -10.78
CA ILE A 30 -7.39 17.11 -12.04
C ILE A 30 -5.85 17.32 -12.16
N ASP A 31 -5.28 18.33 -11.47
CA ASP A 31 -3.82 18.57 -11.46
C ASP A 31 -3.10 17.43 -10.71
N HIS A 32 -2.19 16.72 -11.39
CA HIS A 32 -1.49 15.59 -10.79
C HIS A 32 -0.66 15.92 -9.53
N LYS A 33 0.05 17.05 -9.54
CA LYS A 33 0.86 17.45 -8.40
C LYS A 33 -0.04 17.69 -7.16
N GLU A 34 -1.09 18.52 -7.32
CA GLU A 34 -2.00 18.84 -6.21
C GLU A 34 -2.74 17.57 -5.75
N PHE A 35 -3.12 16.69 -6.69
CA PHE A 35 -3.78 15.44 -6.33
C PHE A 35 -2.85 14.57 -5.48
N THR A 36 -1.60 14.38 -5.94
CA THR A 36 -0.62 13.56 -5.22
C THR A 36 -0.41 14.10 -3.80
N ASP A 37 -0.28 15.43 -3.65
CA ASP A 37 -0.10 16.03 -2.32
C ASP A 37 -1.25 15.66 -1.38
N LYS A 38 -2.52 15.79 -1.86
CA LYS A 38 -3.68 15.55 -0.98
C LYS A 38 -3.89 14.07 -0.70
N CYS A 39 -3.70 13.23 -1.71
CA CYS A 39 -3.82 11.79 -1.54
C CYS A 39 -2.77 11.31 -0.52
N ALA A 40 -1.50 11.77 -0.66
CA ALA A 40 -0.44 11.37 0.27
C ALA A 40 -0.76 11.90 1.69
N HIS A 41 -1.32 13.13 1.79
CA HIS A 41 -1.71 13.71 3.07
C HIS A 41 -2.72 12.78 3.80
N ASP A 42 -3.81 12.38 3.12
CA ASP A 42 -4.82 11.49 3.71
C ASP A 42 -4.26 10.08 4.01
N SER A 43 -3.37 9.56 3.14
CA SER A 43 -2.75 8.24 3.34
C SER A 43 -1.86 8.29 4.59
N ALA A 44 -1.16 9.42 4.80
CA ALA A 44 -0.34 9.62 6.00
C ALA A 44 -1.26 9.67 7.25
N LYS A 45 -2.41 10.38 7.17
CA LYS A 45 -3.35 10.37 8.30
C LYS A 45 -3.82 8.93 8.61
N ALA A 46 -4.26 8.19 7.60
CA ALA A 46 -4.74 6.82 7.75
C ALA A 46 -3.65 5.92 8.35
N THR A 47 -2.40 6.12 7.92
CA THR A 47 -1.27 5.32 8.42
C THR A 47 -1.13 5.48 9.94
N ILE A 48 -1.16 6.73 10.41
CA ILE A 48 -1.03 6.98 11.83
C ILE A 48 -2.15 6.31 12.63
N ASN A 49 -3.39 6.38 12.13
CA ASN A 49 -4.50 5.77 12.85
C ASN A 49 -4.37 4.24 12.81
N LEU A 50 -3.91 3.70 11.66
CA LEU A 50 -3.74 2.26 11.49
C LEU A 50 -2.73 1.67 12.44
N HIS A 51 -1.61 2.38 12.70
CA HIS A 51 -0.58 1.87 13.60
C HIS A 51 -0.99 1.90 15.09
N GLN A 52 -2.12 2.55 15.41
CA GLN A 52 -2.66 2.57 16.77
C GLN A 52 -3.77 1.50 16.91
N GLU A 53 -4.17 0.88 15.78
CA GLU A 53 -5.26 -0.09 15.77
C GLU A 53 -4.76 -1.49 16.14
N ALA A 54 -5.54 -2.23 16.96
CA ALA A 54 -5.19 -3.59 17.39
C ALA A 54 -5.03 -4.49 16.16
N LEU A 55 -4.00 -5.35 16.17
CA LEU A 55 -3.73 -6.25 15.05
C LEU A 55 -4.85 -7.27 14.87
N PRO A 56 -5.19 -7.68 13.63
CA PRO A 56 -6.25 -8.67 13.46
C PRO A 56 -5.78 -10.05 13.92
N LYS A 57 -6.71 -10.97 14.24
CA LYS A 57 -6.33 -12.33 14.66
C LYS A 57 -5.86 -13.10 13.41
N GLU A 58 -6.44 -12.77 12.24
CA GLU A 58 -6.10 -13.43 10.98
C GLU A 58 -5.69 -12.42 9.91
N PHE A 59 -4.66 -12.76 9.12
CA PHE A 59 -4.20 -11.98 7.98
C PHE A 59 -4.61 -12.75 6.73
N ASN A 60 -5.25 -12.03 5.80
CA ASN A 60 -5.77 -12.59 4.56
C ASN A 60 -6.10 -11.43 3.59
N SER A 61 -6.61 -11.77 2.41
CA SER A 61 -6.97 -10.82 1.36
C SER A 61 -8.10 -9.89 1.79
N SER A 62 -9.00 -10.37 2.67
CA SER A 62 -10.05 -9.47 3.19
C SER A 62 -9.39 -8.35 4.01
N TYR A 63 -8.35 -8.69 4.81
CA TYR A 63 -7.65 -7.67 5.59
C TYR A 63 -6.89 -6.70 4.66
N LEU A 64 -6.28 -7.24 3.56
CA LEU A 64 -5.61 -6.41 2.57
C LEU A 64 -6.62 -5.38 2.02
N LYS A 65 -7.83 -5.81 1.63
CA LYS A 65 -8.85 -4.88 1.08
C LYS A 65 -9.23 -3.81 2.13
N TYR A 66 -9.39 -4.24 3.41
CA TYR A 66 -9.69 -3.33 4.51
C TYR A 66 -8.59 -2.24 4.61
N LEU A 67 -7.31 -2.64 4.50
CA LEU A 67 -6.20 -1.67 4.56
C LEU A 67 -6.27 -0.69 3.41
N HIS A 68 -6.54 -1.18 2.19
CA HIS A 68 -6.72 -0.25 1.04
C HIS A 68 -7.87 0.72 1.31
N LYS A 69 -9.01 0.20 1.85
CA LYS A 69 -10.16 1.01 2.22
C LYS A 69 -9.74 2.12 3.20
N CYS A 70 -8.98 1.72 4.25
CA CYS A 70 -8.50 2.70 5.24
C CYS A 70 -7.59 3.76 4.65
N LEU A 71 -6.64 3.35 3.80
CA LEU A 71 -5.69 4.30 3.23
C LEU A 71 -6.29 5.23 2.20
N PHE A 72 -7.32 4.76 1.46
CA PHE A 72 -7.82 5.54 0.32
C PHE A 72 -9.29 5.95 0.35
N GLU A 73 -10.04 5.65 1.43
CA GLU A 73 -11.48 5.97 1.56
C GLU A 73 -11.78 7.45 1.25
N ASN A 74 -10.89 8.34 1.69
CA ASN A 74 -11.14 9.78 1.46
C ASN A 74 -10.75 10.26 0.06
N THR A 75 -10.00 9.44 -0.70
CA THR A 75 -9.48 9.78 -2.02
C THR A 75 -10.30 9.18 -3.15
N PHE A 76 -10.60 7.88 -3.05
CA PHE A 76 -11.28 7.12 -4.11
C PHE A 76 -12.60 6.51 -3.69
N GLU A 77 -13.63 6.66 -4.55
CA GLU A 77 -14.92 6.03 -4.27
C GLU A 77 -14.75 4.50 -4.17
N TRP A 78 -13.77 3.95 -4.91
CA TRP A 78 -13.52 2.51 -5.01
C TRP A 78 -12.51 1.97 -4.00
N ALA A 79 -12.22 2.74 -2.93
CA ALA A 79 -11.28 2.28 -1.90
C ALA A 79 -11.76 0.93 -1.35
N GLY A 80 -10.84 -0.04 -1.32
CA GLY A 80 -11.11 -1.40 -0.84
C GLY A 80 -11.69 -2.34 -1.89
N CYS A 81 -11.92 -1.82 -3.12
CA CYS A 81 -12.47 -2.60 -4.24
C CYS A 81 -11.41 -2.95 -5.28
N THR A 82 -11.47 -4.17 -5.80
CA THR A 82 -10.46 -4.64 -6.74
C THR A 82 -10.83 -4.32 -8.19
N ARG A 83 -9.81 -4.17 -9.06
CA ARG A 83 -9.98 -3.67 -10.43
C ARG A 83 -10.64 -4.63 -11.41
N ASP A 84 -10.70 -5.92 -11.04
CA ASP A 84 -11.33 -6.93 -11.89
C ASP A 84 -12.85 -6.88 -11.81
N ILE A 85 -13.40 -6.24 -10.77
CA ILE A 85 -14.84 -6.21 -10.53
C ILE A 85 -15.42 -4.86 -10.95
N PRO A 86 -16.47 -4.86 -11.80
CA PRO A 86 -17.07 -3.57 -12.23
C PRO A 86 -17.43 -2.70 -11.03
N PHE A 87 -17.04 -1.41 -11.08
CA PHE A 87 -17.24 -0.48 -9.96
C PHE A 87 -18.14 0.64 -10.39
N PRO A 88 -19.35 0.77 -9.80
CA PRO A 88 -20.23 1.87 -10.19
C PRO A 88 -19.93 3.20 -9.49
N PHE A 89 -19.44 4.20 -10.25
CA PHE A 89 -19.18 5.53 -9.68
C PHE A 89 -20.50 6.27 -9.39
N LYS A 90 -20.48 7.27 -8.48
CA LYS A 90 -21.66 8.11 -8.20
C LYS A 90 -22.12 8.84 -9.48
N ASP A 91 -21.21 9.06 -10.46
CA ASP A 91 -21.53 9.77 -11.71
C ASP A 91 -22.34 8.94 -12.74
N GLY A 92 -22.63 7.67 -12.41
CA GLY A 92 -23.41 6.81 -13.29
C GLY A 92 -22.61 5.94 -14.23
N THR A 93 -21.27 6.13 -14.29
CA THR A 93 -20.42 5.30 -15.15
C THR A 93 -19.96 4.08 -14.32
N VAL A 94 -19.55 3.01 -15.01
CA VAL A 94 -19.07 1.79 -14.36
C VAL A 94 -17.67 1.48 -14.91
N ALA A 95 -16.69 1.43 -14.02
CA ALA A 95 -15.30 1.19 -14.41
C ALA A 95 -14.86 -0.22 -14.10
N VAL A 96 -14.01 -0.77 -14.97
CA VAL A 96 -13.38 -2.06 -14.75
C VAL A 96 -12.02 -2.04 -15.45
N MET A 97 -11.01 -2.75 -14.90
CA MET A 97 -9.72 -2.76 -15.54
C MET A 97 -9.08 -4.12 -15.39
N PRO A 98 -9.58 -5.10 -16.16
CA PRO A 98 -9.03 -6.46 -16.03
C PRO A 98 -7.57 -6.59 -16.54
N GLU A 99 -7.15 -5.67 -17.45
CA GLU A 99 -5.81 -5.75 -18.07
C GLU A 99 -4.97 -4.55 -17.71
N MET A 100 -3.85 -4.80 -17.00
CA MET A 100 -2.97 -3.72 -16.58
C MET A 100 -1.53 -4.13 -16.79
N MET A 101 -0.73 -3.17 -17.22
CA MET A 101 0.69 -3.39 -17.40
C MET A 101 1.49 -2.18 -16.95
N ARG A 102 2.75 -2.41 -16.59
CA ARG A 102 3.62 -1.33 -16.13
C ARG A 102 4.94 -1.44 -16.84
N SER A 103 5.43 -0.33 -17.36
CA SER A 103 6.72 -0.31 -18.02
C SER A 103 7.73 0.32 -17.08
N ASN A 104 8.95 -0.20 -17.10
CA ASN A 104 10.06 0.38 -16.35
C ASN A 104 10.98 0.99 -17.41
N TRP A 105 11.37 2.25 -17.18
CA TRP A 105 12.18 3.03 -18.12
C TRP A 105 13.56 2.41 -18.45
N LYS A 106 14.05 1.43 -17.64
CA LYS A 106 15.33 0.76 -17.89
C LYS A 106 15.16 -0.68 -18.39
N THR A 107 13.90 -1.16 -18.49
CA THR A 107 13.57 -2.52 -18.92
C THR A 107 12.89 -2.51 -20.29
N ASP A 108 13.25 -3.48 -21.13
CA ASP A 108 12.75 -3.62 -22.49
C ASP A 108 11.26 -3.96 -22.55
N GLN A 109 10.85 -5.00 -21.81
CA GLN A 109 9.47 -5.47 -21.81
C GLN A 109 8.65 -5.03 -20.59
N PRO A 110 7.35 -4.72 -20.77
CA PRO A 110 6.54 -4.32 -19.61
C PRO A 110 6.25 -5.51 -18.71
N ILE A 111 5.89 -5.23 -17.47
CA ILE A 111 5.46 -6.22 -16.50
C ILE A 111 3.95 -6.30 -16.68
N ILE A 112 3.42 -7.50 -16.94
CA ILE A 112 1.97 -7.69 -17.10
C ILE A 112 1.42 -8.23 -15.80
N PHE A 113 0.43 -7.55 -15.26
CA PHE A 113 -0.18 -7.97 -14.02
C PHE A 113 -1.24 -9.02 -14.28
N ALA A 114 -1.79 -9.62 -13.20
CA ALA A 114 -2.83 -10.67 -13.30
C ALA A 114 -3.99 -10.16 -14.17
N ILE A 115 -4.45 -11.01 -15.12
CA ILE A 115 -5.52 -10.63 -16.03
C ILE A 115 -6.89 -11.09 -15.56
N GLY A 116 -7.83 -10.16 -15.55
CA GLY A 116 -9.21 -10.47 -15.23
C GLY A 116 -9.40 -11.13 -13.88
N ASN A 117 -10.17 -12.27 -13.85
CA ASN A 117 -10.46 -12.91 -12.58
C ASN A 117 -9.25 -13.66 -11.98
N LYS A 118 -8.06 -13.61 -12.66
CA LYS A 118 -6.81 -14.10 -12.06
C LYS A 118 -6.46 -13.16 -10.86
N VAL A 119 -7.07 -11.93 -10.80
CA VAL A 119 -6.87 -11.08 -9.62
C VAL A 119 -7.40 -11.85 -8.37
N GLN A 120 -8.60 -12.48 -8.48
CA GLN A 120 -9.16 -13.25 -7.34
C GLN A 120 -8.22 -14.41 -6.99
N ASP A 121 -7.70 -15.11 -8.02
CA ASP A 121 -6.76 -16.24 -7.80
C ASP A 121 -5.53 -15.78 -7.00
N GLY A 122 -5.01 -14.59 -7.34
CA GLY A 122 -3.85 -14.05 -6.64
C GLY A 122 -4.15 -13.79 -5.16
N LEU A 123 -5.31 -13.22 -4.89
CA LEU A 123 -5.75 -12.91 -3.51
C LEU A 123 -5.93 -14.22 -2.72
N LYS A 124 -6.56 -15.21 -3.35
CA LYS A 124 -6.79 -16.51 -2.69
C LYS A 124 -5.48 -17.26 -2.46
N ASN A 125 -4.49 -17.07 -3.37
CA ASN A 125 -3.14 -17.64 -3.24
C ASN A 125 -2.54 -17.21 -1.88
N ILE A 126 -2.54 -15.90 -1.58
CA ILE A 126 -1.96 -15.42 -0.31
C ILE A 126 -2.77 -15.96 0.89
N ASP A 127 -4.12 -16.12 0.75
CA ASP A 127 -4.97 -16.69 1.80
C ASP A 127 -4.55 -18.13 2.11
N ARG A 128 -4.27 -18.91 1.06
CA ARG A 128 -3.82 -20.29 1.26
C ARG A 128 -2.50 -20.33 2.00
N ILE A 129 -1.52 -19.50 1.59
CA ILE A 129 -0.20 -19.44 2.26
C ILE A 129 -0.40 -19.06 3.75
N LEU A 130 -1.20 -18.01 4.01
CA LEU A 130 -1.39 -17.52 5.36
C LEU A 130 -2.16 -18.48 6.28
N VAL A 131 -3.07 -19.32 5.73
CA VAL A 131 -3.78 -20.31 6.56
C VAL A 131 -2.78 -21.44 6.86
N GLU A 132 -2.10 -21.96 5.80
CA GLU A 132 -1.17 -23.08 5.92
C GLU A 132 0.03 -22.78 6.85
N LYS A 133 0.53 -21.55 6.78
CA LYS A 133 1.71 -21.11 7.54
C LYS A 133 1.36 -20.25 8.78
N ASN A 134 0.09 -20.35 9.27
CA ASN A 134 -0.39 -19.71 10.50
C ASN A 134 0.00 -18.24 10.57
N ASN A 135 -0.31 -17.44 9.51
CA ASN A 135 0.03 -16.00 9.45
C ASN A 135 1.55 -15.76 9.58
N LEU A 136 2.36 -16.76 9.19
CA LEU A 136 3.84 -16.71 9.28
C LEU A 136 4.34 -16.66 10.73
N GLN A 137 3.50 -17.05 11.70
CA GLN A 137 3.87 -17.10 13.12
C GLN A 137 4.47 -18.47 13.48
N ASN A 138 5.31 -18.51 14.55
CA ASN A 138 5.95 -19.74 15.04
C ASN A 138 6.74 -20.48 13.94
N LEU A 139 7.49 -19.71 13.11
CA LEU A 139 8.32 -20.31 12.05
C LEU A 139 9.80 -20.03 12.34
N PRO A 140 10.77 -20.83 11.79
CA PRO A 140 12.18 -20.42 11.91
C PRO A 140 12.36 -19.19 11.00
N ARG A 141 13.32 -18.30 11.30
CA ARG A 141 13.58 -17.04 10.55
C ARG A 141 13.61 -17.20 9.02
N GLN A 142 14.39 -18.17 8.50
CA GLN A 142 14.55 -18.45 7.06
C GLN A 142 13.20 -18.70 6.36
N GLU A 143 12.30 -19.45 7.02
CA GLU A 143 10.96 -19.73 6.48
C GLU A 143 10.10 -18.47 6.47
N PHE A 144 10.15 -17.69 7.57
CA PHE A 144 9.40 -16.44 7.66
C PHE A 144 9.80 -15.50 6.50
N ILE A 145 11.12 -15.30 6.29
CA ILE A 145 11.64 -14.45 5.22
C ILE A 145 11.21 -14.96 3.83
N HIS A 146 11.37 -16.28 3.59
CA HIS A 146 10.97 -16.91 2.33
C HIS A 146 9.48 -16.67 2.03
N HIS A 147 8.58 -17.01 2.98
CA HIS A 147 7.15 -16.84 2.71
C HIS A 147 6.72 -15.36 2.66
N LEU A 148 7.39 -14.47 3.42
CA LEU A 148 7.08 -13.04 3.35
C LEU A 148 7.40 -12.51 1.93
N ALA A 149 8.55 -12.93 1.39
CA ALA A 149 8.98 -12.60 0.03
C ALA A 149 7.99 -13.19 -0.99
N GLU A 150 7.56 -14.48 -0.82
CA GLU A 150 6.59 -15.15 -1.70
C GLU A 150 5.28 -14.33 -1.73
N ILE A 151 4.77 -13.95 -0.54
CA ILE A 151 3.57 -13.12 -0.45
C ILE A 151 3.74 -11.75 -1.17
N PHE A 152 4.87 -11.06 -0.90
CA PHE A 152 5.11 -9.72 -1.47
C PHE A 152 5.20 -9.76 -3.02
N ALA A 153 5.96 -10.74 -3.54
CA ALA A 153 6.10 -10.94 -4.99
C ALA A 153 4.74 -11.36 -5.61
N SER A 154 3.93 -12.13 -4.86
CA SER A 154 2.62 -12.58 -5.38
C SER A 154 1.70 -11.36 -5.51
N LEU A 155 1.72 -10.49 -4.48
CA LEU A 155 0.92 -9.27 -4.50
C LEU A 155 1.37 -8.31 -5.62
N ASN A 156 2.68 -8.25 -5.89
CA ASN A 156 3.22 -7.45 -6.99
C ASN A 156 2.59 -7.89 -8.32
N TYR A 157 2.50 -9.21 -8.58
CA TYR A 157 1.91 -9.74 -9.82
C TYR A 157 0.40 -9.49 -9.86
N THR A 158 -0.30 -9.78 -8.74
CA THR A 158 -1.76 -9.64 -8.68
C THR A 158 -2.18 -8.19 -8.97
N HIS A 159 -1.48 -7.20 -8.38
CA HIS A 159 -1.78 -5.74 -8.53
C HIS A 159 -3.33 -5.58 -8.42
N PRO A 160 -3.94 -5.98 -7.28
CA PRO A 160 -5.41 -6.08 -7.23
C PRO A 160 -6.24 -4.83 -7.38
N PHE A 161 -5.64 -3.68 -7.05
CA PHE A 161 -6.36 -2.40 -7.05
C PHE A 161 -6.01 -1.55 -8.25
N ARG A 162 -6.91 -0.61 -8.64
CA ARG A 162 -6.58 0.25 -9.77
C ARG A 162 -5.33 1.10 -9.48
N GLU A 163 -5.15 1.49 -8.19
CA GLU A 163 -3.99 2.25 -7.75
C GLU A 163 -3.90 2.06 -6.22
N GLY A 164 -2.71 2.30 -5.66
CA GLY A 164 -2.48 2.17 -4.22
C GLY A 164 -2.03 0.77 -3.77
N ASN A 165 -1.62 -0.08 -4.72
CA ASN A 165 -1.13 -1.42 -4.40
C ASN A 165 0.10 -1.44 -3.47
N GLY A 166 1.17 -0.73 -3.85
CA GLY A 166 2.43 -0.69 -3.10
C GLY A 166 2.22 -0.25 -1.66
N ARG A 167 1.51 0.87 -1.51
CA ARG A 167 1.23 1.38 -0.17
C ARG A 167 0.45 0.37 0.68
N THR A 168 -0.57 -0.29 0.08
CA THR A 168 -1.37 -1.27 0.81
C THR A 168 -0.53 -2.51 1.20
N GLN A 169 0.24 -3.02 0.22
CA GLN A 169 1.09 -4.22 0.39
C GLN A 169 2.11 -4.01 1.53
N ARG A 170 2.74 -2.81 1.57
CA ARG A 170 3.76 -2.56 2.58
C ARG A 170 3.21 -2.53 4.00
N ILE A 171 2.05 -1.86 4.23
CA ILE A 171 1.52 -1.82 5.61
C ILE A 171 0.97 -3.20 5.99
N PHE A 172 0.40 -3.94 5.01
CA PHE A 172 -0.05 -5.30 5.25
C PHE A 172 1.14 -6.10 5.78
N CYS A 173 2.28 -6.02 5.08
CA CYS A 173 3.47 -6.78 5.49
C CYS A 173 4.08 -6.30 6.81
N GLU A 174 4.02 -5.00 7.10
CA GLU A 174 4.54 -4.49 8.39
C GLU A 174 3.72 -5.09 9.54
N LYS A 175 2.38 -5.11 9.38
CA LYS A 175 1.45 -5.62 10.39
C LYS A 175 1.59 -7.15 10.53
N LEU A 176 1.73 -7.86 9.39
CA LEU A 176 1.96 -9.31 9.42
C LEU A 176 3.23 -9.61 10.22
N ALA A 177 4.31 -8.87 9.94
CA ALA A 177 5.61 -9.02 10.64
C ALA A 177 5.45 -8.73 12.13
N GLN A 178 4.76 -7.61 12.49
CA GLN A 178 4.52 -7.24 13.89
C GLN A 178 3.83 -8.33 14.69
N ALA A 179 2.80 -8.98 14.10
CA ALA A 179 2.08 -10.06 14.75
C ALA A 179 2.99 -11.29 14.96
N ALA A 180 4.04 -11.41 14.12
CA ALA A 180 5.04 -12.50 14.19
C ALA A 180 6.29 -12.08 15.01
N ASN A 181 6.17 -10.98 15.78
CA ASN A 181 7.20 -10.41 16.66
C ASN A 181 8.43 -9.89 15.89
N TYR A 182 8.21 -9.35 14.68
CA TYR A 182 9.26 -8.75 13.86
C TYR A 182 8.92 -7.30 13.56
N ASN A 183 9.95 -6.47 13.44
CA ASN A 183 9.80 -5.09 13.00
C ASN A 183 10.36 -5.07 11.58
N LEU A 184 9.52 -4.71 10.61
CA LEU A 184 9.90 -4.62 9.21
C LEU A 184 10.17 -3.14 8.94
N ASP A 185 11.45 -2.77 8.66
CA ASP A 185 11.88 -1.38 8.46
C ASP A 185 12.04 -0.95 6.98
N PHE A 186 10.97 -0.42 6.36
CA PHE A 186 11.06 0.02 4.96
C PHE A 186 11.83 1.35 4.77
N SER A 187 12.08 2.10 5.86
CA SER A 187 12.77 3.40 5.83
C SER A 187 14.21 3.34 5.30
N ILE A 188 14.84 2.13 5.33
CA ILE A 188 16.22 1.96 4.81
C ILE A 188 16.20 1.44 3.38
N VAL A 189 14.99 1.26 2.82
CA VAL A 189 14.82 0.79 1.46
C VAL A 189 14.53 1.99 0.57
N THR A 190 15.36 2.14 -0.48
CA THR A 190 15.21 3.21 -1.47
C THR A 190 14.22 2.75 -2.55
N LYS A 191 13.59 3.73 -3.25
CA LYS A 191 12.68 3.51 -4.38
C LYS A 191 13.35 2.56 -5.39
N GLU A 192 14.65 2.81 -5.66
CA GLU A 192 15.47 2.05 -6.61
C GLU A 192 15.65 0.58 -6.20
N ARG A 193 16.01 0.32 -4.92
CA ARG A 193 16.20 -1.04 -4.40
C ARG A 193 14.89 -1.83 -4.43
N MET A 194 13.77 -1.19 -4.05
CA MET A 194 12.44 -1.81 -4.07
C MET A 194 12.08 -2.22 -5.50
N SER A 195 12.28 -1.33 -6.48
CA SER A 195 12.00 -1.57 -7.90
C SER A 195 12.86 -2.71 -8.45
N GLU A 196 14.18 -2.68 -8.16
CA GLU A 196 15.15 -3.70 -8.59
C GLU A 196 14.74 -5.12 -8.17
N VAL A 197 14.45 -5.32 -6.87
CA VAL A 197 14.05 -6.64 -6.32
C VAL A 197 12.69 -7.10 -6.90
N SER A 198 11.76 -6.15 -7.12
CA SER A 198 10.45 -6.47 -7.68
C SER A 198 10.53 -6.94 -9.15
N ILE A 199 11.36 -6.24 -9.98
CA ILE A 199 11.55 -6.61 -11.39
C ILE A 199 12.23 -8.00 -11.49
N ALA A 200 13.19 -8.30 -10.59
CA ALA A 200 13.90 -9.58 -10.57
C ALA A 200 12.95 -10.75 -10.32
N ALA A 201 12.00 -10.57 -9.38
CA ALA A 201 10.99 -11.58 -9.07
C ALA A 201 9.97 -11.72 -10.21
N ALA A 202 9.50 -10.59 -10.76
CA ALA A 202 8.47 -10.55 -11.81
C ALA A 202 8.92 -11.07 -13.18
N GLN A 203 10.07 -10.58 -13.69
CA GLN A 203 10.56 -10.93 -15.02
C GLN A 203 11.52 -12.12 -15.06
N ASP A 204 12.44 -12.23 -14.07
CA ASP A 204 13.42 -13.32 -14.05
C ASP A 204 12.99 -14.53 -13.22
N GLY A 205 11.90 -14.41 -12.45
CA GLY A 205 11.41 -15.46 -11.57
C GLY A 205 12.39 -15.73 -10.44
N ASN A 206 13.17 -14.70 -10.07
CA ASN A 206 14.21 -14.76 -9.04
C ASN A 206 13.76 -14.01 -7.78
N LEU A 207 13.47 -14.77 -6.73
CA LEU A 207 12.99 -14.31 -5.42
C LEU A 207 14.14 -14.00 -4.42
N GLU A 208 15.38 -14.44 -4.71
CA GLU A 208 16.52 -14.23 -3.81
C GLU A 208 16.84 -12.73 -3.51
N PRO A 209 16.88 -11.77 -4.47
CA PRO A 209 17.12 -10.36 -4.08
C PRO A 209 16.06 -9.83 -3.11
N MET A 210 14.78 -10.20 -3.33
CA MET A 210 13.69 -9.80 -2.44
C MET A 210 13.86 -10.41 -1.03
N LYS A 211 14.24 -11.70 -0.95
CA LYS A 211 14.47 -12.38 0.31
C LYS A 211 15.63 -11.70 1.07
N LYS A 212 16.68 -11.26 0.34
CA LYS A 212 17.84 -10.57 0.92
C LYS A 212 17.37 -9.23 1.49
N LEU A 213 16.52 -8.51 0.74
CA LEU A 213 15.95 -7.24 1.19
C LEU A 213 15.16 -7.46 2.49
N PHE A 214 14.23 -8.44 2.51
CA PHE A 214 13.44 -8.70 3.71
C PHE A 214 14.30 -9.12 4.90
N ASP A 215 15.33 -9.94 4.67
CA ASP A 215 16.26 -10.35 5.73
C ASP A 215 16.95 -9.12 6.37
N ASP A 216 17.42 -8.18 5.52
CA ASP A 216 18.11 -6.94 5.92
C ASP A 216 17.24 -6.01 6.76
N ILE A 217 15.92 -5.94 6.46
CA ILE A 217 15.00 -5.00 7.11
C ILE A 217 14.13 -5.65 8.22
N SER A 218 14.27 -6.96 8.46
CA SER A 218 13.49 -7.64 9.50
C SER A 218 14.28 -7.75 10.79
N HIS A 219 13.74 -7.18 11.88
CA HIS A 219 14.37 -7.21 13.20
C HIS A 219 13.44 -7.90 14.20
N HIS A 220 13.88 -9.02 14.81
CA HIS A 220 13.09 -9.77 15.78
C HIS A 220 13.03 -9.07 17.13
N SER B 13 10.20 7.45 26.35
CA SER B 13 8.79 7.07 26.32
C SER B 13 8.50 6.03 25.22
N GLU B 14 7.84 4.92 25.61
CA GLU B 14 7.43 3.82 24.71
C GLU B 14 6.34 4.31 23.73
N GLU B 15 5.36 5.08 24.25
CA GLU B 15 4.24 5.65 23.51
C GLU B 15 4.73 6.59 22.42
N LEU B 16 5.62 7.54 22.78
CA LEU B 16 6.21 8.50 21.84
C LEU B 16 7.10 7.80 20.81
N GLN B 17 7.81 6.73 21.22
CA GLN B 17 8.62 5.94 20.29
C GLN B 17 7.73 5.27 19.24
N LYS B 18 6.56 4.74 19.67
CA LYS B 18 5.57 4.13 18.77
C LYS B 18 5.01 5.18 17.81
N ARG B 19 4.77 6.43 18.30
CA ARG B 19 4.27 7.52 17.44
C ARG B 19 5.33 7.87 16.39
N ARG B 20 6.61 8.01 16.82
CA ARG B 20 7.73 8.32 15.93
C ARG B 20 7.88 7.24 14.85
N GLU B 21 7.75 5.95 15.23
CA GLU B 21 7.84 4.84 14.28
C GLU B 21 6.70 4.91 13.26
N ALA B 22 5.48 5.27 13.72
CA ALA B 22 4.32 5.41 12.81
C ALA B 22 4.57 6.52 11.79
N VAL B 23 5.08 7.68 12.27
CA VAL B 23 5.39 8.85 11.43
C VAL B 23 6.49 8.50 10.40
N ASP B 24 7.55 7.84 10.85
CA ASP B 24 8.64 7.44 9.95
C ASP B 24 8.12 6.44 8.90
N ALA B 25 7.21 5.53 9.30
CA ALA B 25 6.61 4.55 8.37
C ALA B 25 5.74 5.29 7.31
N ALA B 26 4.97 6.32 7.75
CA ALA B 26 4.15 7.13 6.85
C ALA B 26 5.03 7.87 5.82
N ILE B 27 6.17 8.40 6.26
CA ILE B 27 7.10 9.11 5.35
C ILE B 27 7.74 8.11 4.38
N SER B 28 8.25 6.99 4.91
CA SER B 28 8.91 5.96 4.11
C SER B 28 8.01 5.42 3.00
N THR B 29 6.73 5.10 3.32
CA THR B 29 5.87 4.51 2.30
C THR B 29 5.62 5.44 1.09
N HIS B 30 5.71 6.77 1.29
CA HIS B 30 5.59 7.71 0.20
C HIS B 30 6.97 7.91 -0.47
N ALA B 31 8.06 8.01 0.33
CA ALA B 31 9.43 8.15 -0.20
C ALA B 31 9.82 6.97 -1.13
N ILE B 32 9.35 5.76 -0.79
CA ILE B 32 9.71 4.56 -1.56
C ILE B 32 9.00 4.56 -2.97
N GLU B 33 7.98 5.45 -3.13
CA GLU B 33 7.21 5.68 -4.37
C GLU B 33 7.74 6.93 -5.09
N GLY B 34 8.69 7.62 -4.46
CA GLY B 34 9.23 8.88 -4.97
C GLY B 34 8.28 10.04 -4.67
N ILE B 35 7.57 9.98 -3.52
CA ILE B 35 6.65 11.04 -3.13
C ILE B 35 7.19 11.71 -1.88
N THR B 36 7.33 13.05 -1.92
CA THR B 36 7.71 13.85 -0.76
C THR B 36 6.40 14.44 -0.26
N LEU B 37 6.13 14.30 1.03
CA LEU B 37 4.90 14.82 1.62
C LEU B 37 4.93 16.35 1.64
N HIS B 38 3.75 16.98 1.51
CA HIS B 38 3.58 18.44 1.57
C HIS B 38 4.14 18.93 2.92
N SER B 39 4.75 20.13 2.96
CA SER B 39 5.30 20.66 4.20
C SER B 39 4.29 20.69 5.36
N LYS B 40 3.01 20.98 5.05
CA LYS B 40 1.97 21.04 6.07
C LYS B 40 1.72 19.66 6.67
N THR B 41 1.71 18.60 5.83
CA THR B 41 1.55 17.21 6.26
C THR B 41 2.69 16.87 7.26
N LEU B 42 3.94 17.21 6.91
CA LEU B 42 5.10 16.90 7.76
C LEU B 42 5.06 17.63 9.10
N GLU B 43 4.58 18.89 9.11
CA GLU B 43 4.49 19.70 10.31
C GLU B 43 3.49 19.04 11.28
N ILE B 44 2.32 18.63 10.76
CA ILE B 44 1.28 18.02 11.60
C ILE B 44 1.74 16.65 12.11
N LEU B 45 2.41 15.85 11.27
CA LEU B 45 2.94 14.56 11.71
C LEU B 45 3.98 14.74 12.84
N GLU B 46 4.87 15.72 12.69
CA GLU B 46 5.93 15.99 13.66
C GLU B 46 5.36 16.34 15.05
N GLY B 47 4.33 17.19 15.09
CA GLY B 47 3.68 17.56 16.34
C GLY B 47 3.12 16.35 17.09
N TYR B 48 2.48 15.45 16.33
CA TYR B 48 1.94 14.20 16.87
C TYR B 48 3.08 13.34 17.44
N ALA B 49 4.17 13.14 16.64
CA ALA B 49 5.34 12.32 17.06
C ALA B 49 5.92 12.79 18.40
N LYS B 50 5.94 14.12 18.59
CA LYS B 50 6.50 14.78 19.77
C LYS B 50 5.53 14.85 20.98
N GLY B 51 4.29 14.36 20.79
CA GLY B 51 3.29 14.35 21.85
C GLY B 51 2.69 15.71 22.16
N GLU B 52 2.69 16.65 21.18
CA GLU B 52 2.11 18.00 21.38
C GLU B 52 0.57 17.97 21.43
N TYR B 53 -0.04 16.94 20.83
CA TYR B 53 -1.50 16.81 20.79
C TYR B 53 -1.90 15.36 20.57
N SER B 54 -3.17 15.03 20.89
CA SER B 54 -3.71 13.66 20.84
C SER B 54 -3.89 13.15 19.41
N LEU B 55 -4.19 11.84 19.27
CA LEU B 55 -4.51 11.30 17.96
C LEU B 55 -5.76 12.01 17.38
N GLU B 56 -6.77 12.29 18.23
CA GLU B 56 -8.00 12.95 17.78
C GLU B 56 -7.68 14.37 17.25
N GLU B 57 -6.84 15.13 17.99
CA GLU B 57 -6.46 16.49 17.58
C GLU B 57 -5.58 16.44 16.31
N PHE B 58 -4.71 15.42 16.21
CA PHE B 58 -3.91 15.18 14.98
C PHE B 58 -4.89 15.04 13.79
N ASN B 59 -5.94 14.20 13.95
CA ASN B 59 -6.93 13.96 12.89
C ASN B 59 -7.64 15.25 12.48
N THR B 60 -7.98 16.10 13.47
CA THR B 60 -8.61 17.41 13.22
C THR B 60 -7.66 18.32 12.42
N LEU B 61 -6.39 18.40 12.85
CA LEU B 61 -5.41 19.23 12.16
C LEU B 61 -5.20 18.75 10.70
N MET B 62 -5.15 17.43 10.47
CA MET B 62 -4.98 16.92 9.12
C MET B 62 -6.22 17.31 8.27
N ASP B 63 -7.44 17.09 8.80
CA ASP B 63 -8.67 17.39 8.04
C ASP B 63 -8.85 18.90 7.76
N ASN B 64 -8.26 19.75 8.61
CA ASN B 64 -8.40 21.23 8.50
C ASN B 64 -7.22 21.89 7.76
N ALA B 65 -6.16 21.11 7.45
CA ALA B 65 -4.94 21.61 6.83
C ALA B 65 -5.16 22.27 5.49
N THR B 66 -4.52 23.43 5.27
CA THR B 66 -4.59 24.13 3.98
C THR B 66 -3.38 23.64 3.17
N LEU B 67 -3.64 22.99 2.02
CA LEU B 67 -2.59 22.49 1.14
C LEU B 67 -2.36 23.38 -0.11
#